data_6XM7
#
_entry.id   6XM7
#
_cell.length_a   85.320
_cell.length_b   112.020
_cell.length_c   114.670
_cell.angle_alpha   90.000
_cell.angle_beta   90.000
_cell.angle_gamma   90.000
#
_symmetry.space_group_name_H-M   'I 2 2 2'
#
loop_
_entity.id
_entity.type
_entity.pdbx_description
1 polymer Dioxygenase
2 non-polymer '(2E)-3-{4-hydroxy-3-[(E)-2-(4-hydroxy-3-methoxyphenyl)ethenyl]-5-methoxyphenyl}prop-2-enoic acid'
3 non-polymer 'DIMETHYL SULFOXIDE'
4 non-polymer 'COBALT (II) ION'
5 non-polymer 'MAGNESIUM ION'
6 water water
#
_entity_poly.entity_id   1
_entity_poly.type   'polypeptide(L)'
_entity_poly.pdbx_seq_one_letter_code
;MAHFPDTPAFTGFNAPSRIECDIPNLVHEGTIPPELNGAFFRVQPDPQFPPRLGDDISFNGDGMITRFHIHDGQCDIKQR
WAKTNKWKLENAAGKALFGSYRNPLTDDESVKGEYRSTANTNAFVFAGKLWAMKEDSPSLTMDPATMETFGFEKFGGKMT
GQTFTAHPKVDPLTGNMVAIGYAASGLCTDDVCLYEISPDGELIYEAWFKVPYYCMMHDFGVTKDYLVLHIVPSIGSWDR
LEKGLPHFGFDTTLPVYLGIIPRRADLKQEDIRWFKRENCFASHVMNAFQEGTKVHVDVPEAENNMFPFFPDVHGAPFNP
QQAMSRLTRWTVDMASNSDEFDSVTRLTETAGEFPRIDDRMTGLPYRYGWMLEMDMKRPVELKGGSAGGFLMNCLFLKDH
QTGAEQHWWCGPTSSLQEPAFIPRSKDAPEGDGWIVQVCNRLADHKSDLLIFEALDIEKGPVATVHLPFALRFGLHGNWA
NAEEIGLAA
;
_entity_poly.pdbx_strand_id   A
#
# COMPACT_ATOMS: atom_id res chain seq x y z
N ALA A 2 28.48 3.58 7.35
CA ALA A 2 27.97 2.35 6.70
C ALA A 2 28.48 2.26 5.28
N HIS A 3 28.95 1.05 4.89
CA HIS A 3 29.35 0.81 3.51
C HIS A 3 28.21 0.11 2.76
N PHE A 4 27.51 0.84 1.93
CA PHE A 4 26.40 0.29 1.18
C PHE A 4 26.84 -0.04 -0.24
N PRO A 5 26.12 -0.94 -0.90
CA PRO A 5 26.47 -1.30 -2.27
C PRO A 5 26.30 -0.13 -3.23
N ASP A 6 27.11 -0.17 -4.27
CA ASP A 6 26.98 0.75 -5.38
C ASP A 6 26.11 0.11 -6.44
N THR A 7 24.85 -0.06 -6.09
CA THR A 7 23.86 -0.67 -6.97
C THR A 7 22.65 0.25 -6.99
N PRO A 8 21.77 0.10 -7.98
CA PRO A 8 20.64 1.04 -8.09
C PRO A 8 19.75 1.12 -6.88
N ALA A 9 19.60 0.03 -6.14
CA ALA A 9 18.71 0.04 -4.99
C ALA A 9 19.25 0.91 -3.86
N PHE A 10 20.51 1.36 -3.95
CA PHE A 10 21.15 2.10 -2.86
C PHE A 10 21.77 3.43 -3.26
N THR A 11 21.50 3.91 -4.48
CA THR A 11 22.15 5.11 -4.96
C THR A 11 21.12 6.07 -5.54
N GLY A 12 21.55 7.33 -5.63
CA GLY A 12 20.71 8.38 -6.19
C GLY A 12 19.49 8.63 -5.31
N PHE A 13 18.34 8.65 -5.98
CA PHE A 13 17.08 8.74 -5.25
C PHE A 13 16.94 7.61 -4.24
N ASN A 14 17.63 6.49 -4.45
CA ASN A 14 17.56 5.36 -3.54
C ASN A 14 18.72 5.33 -2.55
N ALA A 15 19.45 6.43 -2.40
CA ALA A 15 20.43 6.46 -1.33
C ALA A 15 19.75 6.21 0.02
N PRO A 16 20.35 5.45 0.90
CA PRO A 16 19.78 5.32 2.25
C PRO A 16 19.69 6.69 2.89
N SER A 17 18.62 6.91 3.66
CA SER A 17 18.42 8.16 4.37
C SER A 17 18.53 7.97 5.87
N ARG A 18 17.61 7.21 6.45
CA ARG A 18 17.66 6.87 7.85
C ARG A 18 17.52 8.04 8.81
N ILE A 19 16.98 9.13 8.30
CA ILE A 19 16.78 10.31 9.14
C ILE A 19 15.67 10.05 10.13
N GLU A 20 15.98 10.15 11.42
CA GLU A 20 14.98 10.36 12.46
C GLU A 20 15.08 11.83 12.82
N CYS A 21 13.96 12.53 12.80
CA CYS A 21 14.06 13.97 13.01
C CYS A 21 12.76 14.52 13.56
N ASP A 22 12.82 15.79 13.94
CA ASP A 22 11.67 16.57 14.30
C ASP A 22 11.89 17.96 13.74
N ILE A 23 10.92 18.48 13.02
CA ILE A 23 10.95 19.88 12.61
C ILE A 23 9.54 20.42 12.65
N PRO A 24 9.22 21.34 13.55
CA PRO A 24 7.93 21.99 13.50
C PRO A 24 7.96 23.14 12.49
N ASN A 25 6.78 23.49 12.00
CA ASN A 25 6.66 24.76 11.28
C ASN A 25 7.59 24.78 10.08
N LEU A 26 7.52 23.72 9.29
CA LEU A 26 8.28 23.62 8.06
C LEU A 26 8.03 24.81 7.16
N VAL A 27 9.07 25.21 6.41
CA VAL A 27 8.85 26.29 5.46
C VAL A 27 7.77 25.87 4.47
N HIS A 28 6.86 26.80 4.17
CA HIS A 28 5.78 26.44 3.28
C HIS A 28 5.31 27.65 2.48
N GLU A 29 4.59 27.35 1.42
CA GLU A 29 3.98 28.34 0.58
C GLU A 29 2.50 28.05 0.44
N GLY A 30 1.75 29.09 0.10
CA GLY A 30 0.31 28.93 0.01
C GLY A 30 -0.32 29.00 1.37
N THR A 31 -1.54 28.47 1.46
CA THR A 31 -2.36 28.58 2.66
C THR A 31 -2.75 27.18 3.07
N ILE A 32 -2.24 26.74 4.20
CA ILE A 32 -2.66 25.47 4.78
C ILE A 32 -4.03 25.71 5.39
N PRO A 33 -5.06 24.99 4.97
CA PRO A 33 -6.41 25.23 5.50
C PRO A 33 -6.39 25.24 7.01
N PRO A 34 -6.88 26.31 7.65
CA PRO A 34 -6.95 26.28 9.12
C PRO A 34 -7.87 25.16 9.65
N GLU A 35 -8.70 24.56 8.80
CA GLU A 35 -9.58 23.48 9.23
C GLU A 35 -8.76 22.24 9.60
N LEU A 36 -7.57 22.13 9.09
CA LEU A 36 -6.88 20.87 9.22
C LEU A 36 -6.31 20.74 10.63
N ASN A 37 -6.54 19.57 11.25
CA ASN A 37 -6.02 19.32 12.59
C ASN A 37 -5.87 17.81 12.75
N GLY A 38 -4.68 17.34 12.44
CA GLY A 38 -4.45 15.90 12.46
C GLY A 38 -3.12 15.61 11.81
N ALA A 39 -2.95 14.39 11.34
CA ALA A 39 -1.65 14.05 10.77
C ALA A 39 -1.78 13.04 9.65
N PHE A 40 -0.88 13.21 8.68
CA PHE A 40 -0.72 12.27 7.57
C PHE A 40 0.51 11.44 7.89
N PHE A 41 0.33 10.13 7.95
CA PHE A 41 1.41 9.19 8.16
C PHE A 41 1.71 8.49 6.85
N ARG A 42 2.97 8.24 6.58
CA ARG A 42 3.39 7.47 5.42
C ARG A 42 4.69 6.72 5.77
N VAL A 43 5.03 5.72 4.97
CA VAL A 43 6.18 4.90 5.26
C VAL A 43 7.08 4.77 4.04
N GLN A 44 8.39 4.80 4.29
CA GLN A 44 9.37 4.50 3.29
C GLN A 44 10.21 3.32 3.74
N PRO A 45 10.45 2.35 2.87
CA PRO A 45 11.54 1.41 3.11
C PRO A 45 12.86 2.16 3.11
N ASP A 46 13.73 1.83 4.06
CA ASP A 46 14.96 2.58 4.23
C ASP A 46 15.88 1.68 5.05
N PRO A 47 16.99 1.24 4.49
CA PRO A 47 17.76 0.16 5.14
C PRO A 47 18.53 0.67 6.35
N GLN A 48 18.29 0.06 7.52
CA GLN A 48 19.10 0.37 8.69
C GLN A 48 20.55 -0.02 8.43
N PHE A 49 20.75 -1.15 7.79
CA PHE A 49 22.10 -1.65 7.55
C PHE A 49 22.27 -2.08 6.11
N PRO A 50 23.52 -2.20 5.65
CA PRO A 50 23.75 -2.79 4.33
C PRO A 50 23.23 -4.21 4.29
N PRO A 51 22.80 -4.66 3.12
CA PRO A 51 22.22 -5.99 3.01
C PRO A 51 23.29 -7.06 3.11
N ARG A 52 22.90 -8.18 3.73
CA ARG A 52 23.86 -9.27 3.92
C ARG A 52 24.45 -9.72 2.60
N LEU A 53 23.61 -9.80 1.56
CA LEU A 53 24.04 -10.32 0.27
C LEU A 53 24.85 -9.33 -0.54
N GLY A 54 24.87 -8.05 -0.16
CA GLY A 54 25.57 -7.07 -0.95
C GLY A 54 24.73 -6.43 -2.04
N ASP A 55 23.43 -6.74 -2.09
CA ASP A 55 22.48 -6.09 -2.97
C ASP A 55 21.11 -6.44 -2.40
N ASP A 56 20.07 -5.74 -2.83
CA ASP A 56 18.73 -6.00 -2.32
C ASP A 56 17.78 -5.28 -3.26
N ILE A 57 16.48 -5.42 -2.96
CA ILE A 57 15.42 -4.73 -3.68
C ILE A 57 14.78 -3.67 -2.79
N SER A 58 14.11 -2.71 -3.43
CA SER A 58 13.48 -1.60 -2.71
C SER A 58 12.46 -2.08 -1.70
N PHE A 59 11.73 -3.15 -2.03
CA PHE A 59 10.67 -3.55 -1.12
C PHE A 59 11.19 -4.18 0.17
N ASN A 60 12.52 -4.32 0.33
CA ASN A 60 13.06 -4.98 1.49
C ASN A 60 13.64 -4.03 2.53
N GLY A 61 13.54 -2.72 2.35
CA GLY A 61 14.12 -1.81 3.31
C GLY A 61 13.30 -1.71 4.59
N ASP A 62 13.97 -1.49 5.70
CA ASP A 62 13.30 -1.30 6.99
C ASP A 62 12.31 -0.14 6.92
N GLY A 63 11.18 -0.27 7.63
CA GLY A 63 10.18 0.77 7.56
C GLY A 63 10.59 1.99 8.40
N MET A 64 10.58 3.15 7.77
CA MET A 64 10.74 4.43 8.43
C MET A 64 9.44 5.19 8.28
N ILE A 65 8.88 5.63 9.40
CA ILE A 65 7.56 6.25 9.42
C ILE A 65 7.69 7.77 9.47
N THR A 66 7.01 8.45 8.58
CA THR A 66 6.97 9.90 8.53
C THR A 66 5.59 10.33 8.96
N ARG A 67 5.55 11.30 9.87
CA ARG A 67 4.29 11.92 10.25
C ARG A 67 4.31 13.40 9.95
N PHE A 68 3.32 13.86 9.22
CA PHE A 68 3.12 15.28 8.96
C PHE A 68 1.93 15.72 9.80
N HIS A 69 2.20 16.43 10.89
CA HIS A 69 1.16 16.92 11.77
C HIS A 69 0.78 18.32 11.29
N ILE A 70 -0.44 18.46 10.81
CA ILE A 70 -0.95 19.71 10.24
C ILE A 70 -1.93 20.29 11.25
N HIS A 71 -1.68 21.53 11.65
CA HIS A 71 -2.53 22.15 12.64
C HIS A 71 -2.21 23.63 12.63
N ASP A 72 -3.21 24.45 12.93
CA ASP A 72 -2.96 25.89 13.06
C ASP A 72 -2.31 26.50 11.81
N GLY A 73 -2.67 25.98 10.63
CA GLY A 73 -2.12 26.53 9.40
C GLY A 73 -0.65 26.26 9.18
N GLN A 74 -0.07 25.30 9.90
CA GLN A 74 1.32 24.94 9.74
C GLN A 74 1.45 23.41 9.63
N CYS A 75 2.65 22.96 9.24
CA CYS A 75 2.91 21.54 9.11
C CYS A 75 4.22 21.23 9.81
N ASP A 76 4.19 20.18 10.60
CA ASP A 76 5.34 19.72 11.34
C ASP A 76 5.70 18.33 10.86
N ILE A 77 6.96 17.93 10.99
CA ILE A 77 7.36 16.56 10.67
C ILE A 77 8.00 15.90 11.88
N LYS A 78 7.64 14.64 12.09
CA LYS A 78 8.34 13.75 13.01
C LYS A 78 8.56 12.47 12.24
N GLN A 79 9.79 11.97 12.24
CA GLN A 79 10.13 10.76 11.48
C GLN A 79 10.85 9.81 12.42
N ARG A 80 10.38 8.58 12.46
CA ARG A 80 10.93 7.59 13.38
C ARG A 80 10.89 6.21 12.76
N TRP A 81 11.84 5.36 13.15
CA TRP A 81 11.81 3.99 12.73
C TRP A 81 10.63 3.23 13.32
N ALA A 82 10.10 2.29 12.53
CA ALA A 82 9.21 1.26 13.05
C ALA A 82 10.10 0.16 13.63
N LYS A 83 10.14 0.04 14.94
CA LYS A 83 11.16 -0.80 15.56
C LYS A 83 10.63 -2.22 15.67
N THR A 84 10.62 -2.87 14.50
CA THR A 84 10.32 -4.29 14.39
C THR A 84 11.34 -5.12 15.17
N ASN A 85 11.00 -6.41 15.38
CA ASN A 85 11.99 -7.29 16.00
C ASN A 85 13.25 -7.34 15.16
N LYS A 86 13.10 -7.37 13.84
CA LYS A 86 14.24 -7.32 12.93
C LYS A 86 15.08 -6.09 13.21
N TRP A 87 14.45 -4.91 13.26
CA TRP A 87 15.17 -3.67 13.51
C TRP A 87 15.94 -3.77 14.81
N LYS A 88 15.26 -4.24 15.86
CA LYS A 88 15.87 -4.30 17.18
C LYS A 88 17.04 -5.29 17.20
N LEU A 89 16.87 -6.46 16.61
CA LEU A 89 17.94 -7.45 16.65
C LEU A 89 19.14 -6.95 15.85
N GLU A 90 18.89 -6.38 14.67
CA GLU A 90 19.98 -5.86 13.87
C GLU A 90 20.64 -4.67 14.52
N ASN A 91 19.86 -3.78 15.13
CA ASN A 91 20.44 -2.67 15.86
C ASN A 91 21.36 -3.14 16.97
N ALA A 92 20.95 -4.16 17.71
CA ALA A 92 21.78 -4.68 18.80
C ALA A 92 23.04 -5.33 18.26
N ALA A 93 22.94 -6.02 17.14
CA ALA A 93 24.10 -6.71 16.58
C ALA A 93 25.01 -5.78 15.80
N GLY A 94 24.52 -4.61 15.42
CA GLY A 94 25.30 -3.72 14.57
C GLY A 94 25.50 -4.18 13.15
N LYS A 95 24.64 -5.04 12.65
CA LYS A 95 24.77 -5.54 11.29
C LYS A 95 23.48 -6.21 10.87
N ALA A 96 23.36 -6.43 9.57
CA ALA A 96 22.25 -7.17 9.03
C ALA A 96 22.32 -8.63 9.46
N LEU A 97 21.18 -9.15 9.89
CA LEU A 97 21.01 -10.55 10.26
C LEU A 97 20.03 -11.25 9.37
N PHE A 98 19.01 -10.56 8.89
CA PHE A 98 18.04 -11.12 7.96
C PHE A 98 18.51 -10.83 6.55
N GLY A 99 18.23 -11.78 5.66
CA GLY A 99 18.69 -11.71 4.30
C GLY A 99 17.72 -11.15 3.28
N SER A 100 17.59 -11.83 2.16
N SER A 100 17.54 -11.91 2.20
CA SER A 100 16.85 -11.28 1.04
CA SER A 100 16.82 -11.44 1.03
C SER A 100 15.34 -11.37 1.24
C SER A 100 15.32 -11.42 1.24
N TYR A 101 14.64 -10.77 0.29
CA TYR A 101 13.22 -10.53 0.42
C TYR A 101 12.46 -11.82 0.55
N ARG A 102 11.69 -11.95 1.63
CA ARG A 102 10.80 -13.08 1.83
C ARG A 102 11.54 -14.40 1.64
N ASN A 103 12.78 -14.45 2.10
CA ASN A 103 13.64 -15.62 1.91
C ASN A 103 14.36 -16.00 3.20
N PRO A 104 13.70 -16.76 4.07
CA PRO A 104 14.32 -17.17 5.33
C PRO A 104 15.54 -18.06 5.14
N LEU A 105 15.77 -18.62 3.95
CA LEU A 105 16.97 -19.46 3.80
C LEU A 105 18.24 -18.65 3.90
N THR A 106 18.14 -17.33 3.74
CA THR A 106 19.29 -16.46 3.70
C THR A 106 19.49 -15.70 5.01
N ASP A 107 18.73 -16.04 6.05
CA ASP A 107 18.89 -15.37 7.33
C ASP A 107 20.02 -16.01 8.13
N ASP A 108 20.67 -15.20 8.95
CA ASP A 108 21.60 -15.76 9.92
C ASP A 108 20.88 -16.75 10.82
N GLU A 109 21.59 -17.83 11.20
CA GLU A 109 20.98 -18.82 12.06
C GLU A 109 20.42 -18.24 13.34
N SER A 110 21.02 -17.15 13.83
CA SER A 110 20.63 -16.57 15.11
C SER A 110 19.23 -15.97 15.07
N VAL A 111 18.67 -15.75 13.89
CA VAL A 111 17.33 -15.18 13.81
C VAL A 111 16.34 -16.16 13.17
N LYS A 112 16.70 -17.44 13.11
CA LYS A 112 15.76 -18.43 12.63
C LYS A 112 14.48 -18.38 13.44
N GLY A 113 13.35 -18.37 12.75
CA GLY A 113 12.08 -18.37 13.40
C GLY A 113 11.52 -17.01 13.80
N GLU A 114 12.30 -15.93 13.70
CA GLU A 114 11.82 -14.62 14.10
C GLU A 114 10.93 -14.04 13.00
N TYR A 115 10.06 -13.14 13.40
CA TYR A 115 9.34 -12.37 12.39
C TYR A 115 10.32 -11.55 11.56
N ARG A 116 10.17 -11.63 10.24
CA ARG A 116 11.08 -10.96 9.32
C ARG A 116 10.58 -9.58 8.92
N SER A 117 9.45 -9.16 9.46
CA SER A 117 8.82 -7.93 9.05
C SER A 117 9.75 -6.73 9.11
N THR A 118 9.66 -5.92 8.06
CA THR A 118 10.23 -4.58 8.04
C THR A 118 9.19 -3.50 8.27
N ALA A 119 7.92 -3.87 8.41
CA ALA A 119 6.86 -2.91 8.74
C ALA A 119 6.94 -1.71 7.79
N ASN A 120 7.11 -2.01 6.50
CA ASN A 120 7.53 -0.98 5.56
C ASN A 120 6.49 -0.63 4.50
N THR A 121 5.27 -1.15 4.61
CA THR A 121 4.33 -1.04 3.52
C THR A 121 3.14 -0.13 3.79
N ASN A 122 2.70 -0.01 5.03
CA ASN A 122 1.65 0.96 5.34
C ASN A 122 1.90 1.53 6.72
N ALA A 123 1.42 2.77 6.90
CA ALA A 123 1.36 3.48 8.17
C ALA A 123 -0.09 3.87 8.33
N PHE A 124 -0.83 3.07 9.11
CA PHE A 124 -2.28 3.12 9.18
C PHE A 124 -2.71 3.41 10.59
N VAL A 125 -3.80 4.16 10.75
CA VAL A 125 -4.27 4.50 12.07
C VAL A 125 -5.59 3.76 12.33
N PHE A 126 -5.66 3.13 13.49
CA PHE A 126 -6.87 2.42 13.89
C PHE A 126 -6.81 2.14 15.38
N ALA A 127 -7.92 2.33 16.06
CA ALA A 127 -8.03 1.97 17.47
C ALA A 127 -6.98 2.67 18.33
N GLY A 128 -6.66 3.91 17.97
CA GLY A 128 -5.77 4.71 18.78
C GLY A 128 -4.31 4.37 18.59
N LYS A 129 -3.99 3.47 17.66
CA LYS A 129 -2.62 3.02 17.42
C LYS A 129 -2.23 3.36 15.97
N LEU A 130 -0.93 3.51 15.78
CA LEU A 130 -0.33 3.54 14.46
C LEU A 130 0.14 2.13 14.13
N TRP A 131 -0.27 1.63 12.97
CA TRP A 131 0.04 0.29 12.52
C TRP A 131 1.06 0.44 11.42
N ALA A 132 2.23 -0.17 11.63
CA ALA A 132 3.31 -0.15 10.64
C ALA A 132 3.36 -1.57 10.11
N MET A 133 3.01 -1.73 8.84
CA MET A 133 2.46 -2.99 8.36
C MET A 133 3.33 -3.62 7.31
N LYS A 134 3.36 -4.95 7.33
CA LYS A 134 4.12 -5.75 6.39
C LYS A 134 3.46 -7.11 6.35
N GLU A 135 3.09 -7.54 5.15
CA GLU A 135 2.18 -8.66 4.96
C GLU A 135 2.76 -10.04 5.26
N ASP A 136 4.00 -10.15 5.72
CA ASP A 136 4.62 -11.43 6.03
C ASP A 136 4.60 -11.76 7.51
N SER A 137 3.97 -10.93 8.33
CA SER A 137 4.04 -11.05 9.78
C SER A 137 2.81 -10.35 10.35
N PRO A 138 2.55 -10.52 11.64
CA PRO A 138 1.59 -9.62 12.30
C PRO A 138 2.03 -8.18 12.11
N SER A 139 1.08 -7.27 12.19
CA SER A 139 1.43 -5.88 12.08
C SER A 139 2.19 -5.45 13.33
N LEU A 140 3.09 -4.48 13.13
CA LEU A 140 3.66 -3.73 14.23
C LEU A 140 2.68 -2.66 14.63
N THR A 141 2.70 -2.30 15.89
CA THR A 141 1.95 -1.15 16.35
C THR A 141 2.88 -0.19 17.07
N MET A 142 2.49 1.07 17.00
CA MET A 142 3.23 2.22 17.50
C MET A 142 2.26 3.21 18.11
N ASP A 143 2.80 4.05 18.98
CA ASP A 143 2.08 5.17 19.55
C ASP A 143 2.02 6.28 18.50
N PRO A 144 0.85 6.70 18.05
CA PRO A 144 0.80 7.68 16.97
C PRO A 144 1.23 9.06 17.38
N ALA A 145 1.27 9.36 18.69
CA ALA A 145 1.67 10.67 19.17
C ALA A 145 3.17 10.72 19.42
N THR A 146 3.73 9.75 20.14
CA THR A 146 5.17 9.80 20.37
C THR A 146 5.95 9.07 19.30
N MET A 147 5.29 8.19 18.54
CA MET A 147 5.90 7.35 17.53
C MET A 147 6.91 6.37 18.08
N GLU A 148 6.83 6.09 19.38
CA GLU A 148 7.51 4.94 19.94
C GLU A 148 6.81 3.68 19.46
N THR A 149 7.54 2.57 19.51
CA THR A 149 7.04 1.30 19.05
C THR A 149 6.56 0.46 20.22
N PHE A 150 5.39 -0.16 20.05
CA PHE A 150 4.88 -1.12 21.01
C PHE A 150 5.41 -2.53 20.75
N GLY A 151 5.21 -3.04 19.55
CA GLY A 151 5.55 -4.40 19.23
C GLY A 151 4.55 -4.94 18.25
N PHE A 152 4.59 -6.25 18.05
CA PHE A 152 3.67 -6.92 17.12
C PHE A 152 2.34 -7.16 17.79
N GLU A 153 1.26 -6.95 17.03
CA GLU A 153 -0.10 -7.14 17.52
C GLU A 153 -0.57 -8.56 17.19
N LYS A 154 -0.70 -9.37 18.23
CA LYS A 154 -1.24 -10.71 18.08
C LYS A 154 -2.56 -10.87 18.81
N PHE A 155 -3.19 -9.75 19.21
CA PHE A 155 -4.55 -9.73 19.68
C PHE A 155 -4.75 -10.69 20.86
N GLY A 156 -3.88 -10.59 21.85
CA GLY A 156 -4.09 -11.38 23.05
C GLY A 156 -3.99 -12.86 22.81
N GLY A 157 -3.26 -13.28 21.80
CA GLY A 157 -3.19 -14.68 21.49
C GLY A 157 -4.38 -15.22 20.71
N LYS A 158 -5.37 -14.38 20.42
CA LYS A 158 -6.51 -14.87 19.68
C LYS A 158 -6.22 -15.01 18.21
N MET A 159 -5.24 -14.27 17.69
CA MET A 159 -4.80 -14.47 16.33
C MET A 159 -3.90 -15.69 16.28
N THR A 160 -4.26 -16.67 15.44
CA THR A 160 -3.40 -17.81 15.21
C THR A 160 -2.74 -17.86 13.85
N GLY A 161 -3.22 -17.07 12.87
CA GLY A 161 -2.49 -16.95 11.64
C GLY A 161 -1.17 -16.25 11.88
N GLN A 162 -0.23 -16.52 10.99
CA GLN A 162 1.12 -16.00 11.16
C GLN A 162 1.34 -14.63 10.56
N THR A 163 0.38 -14.11 9.82
CA THR A 163 0.61 -12.94 8.99
C THR A 163 -0.62 -12.03 9.04
N PHE A 164 -0.39 -10.79 8.65
CA PHE A 164 -1.42 -9.76 8.66
C PHE A 164 -1.09 -8.81 7.53
N THR A 165 -2.12 -8.40 6.81
CA THR A 165 -1.99 -7.56 5.63
C THR A 165 -1.41 -6.20 5.93
N ALA A 166 -1.02 -5.53 4.84
CA ALA A 166 -0.66 -4.10 4.89
C ALA A 166 -1.68 -3.25 4.18
N HIS A 167 -2.84 -3.83 3.80
CA HIS A 167 -3.96 -3.12 3.18
C HIS A 167 -5.25 -3.25 4.00
N PRO A 168 -5.25 -2.91 5.27
CA PRO A 168 -6.48 -3.00 6.05
C PRO A 168 -7.54 -2.05 5.52
N LYS A 169 -8.79 -2.48 5.62
CA LYS A 169 -9.93 -1.64 5.28
C LYS A 169 -10.72 -1.40 6.55
N VAL A 170 -11.40 -0.25 6.61
CA VAL A 170 -12.33 0.04 7.69
C VAL A 170 -13.73 0.08 7.13
N ASP A 171 -14.60 -0.75 7.65
CA ASP A 171 -15.98 -0.81 7.21
C ASP A 171 -16.74 0.35 7.81
N PRO A 172 -17.27 1.26 7.00
CA PRO A 172 -17.95 2.42 7.56
C PRO A 172 -19.22 2.07 8.28
N LEU A 173 -19.78 0.90 8.06
CA LEU A 173 -21.04 0.56 8.72
C LEU A 173 -20.82 0.17 10.17
N THR A 174 -19.68 -0.43 10.49
CA THR A 174 -19.41 -0.90 11.85
C THR A 174 -18.20 -0.25 12.48
N GLY A 175 -17.32 0.34 11.68
CA GLY A 175 -16.05 0.79 12.16
C GLY A 175 -15.01 -0.31 12.35
N ASN A 176 -15.32 -1.54 11.98
CA ASN A 176 -14.35 -2.62 12.14
C ASN A 176 -13.25 -2.48 11.12
N MET A 177 -12.04 -2.88 11.52
CA MET A 177 -10.98 -3.11 10.56
C MET A 177 -11.16 -4.50 9.98
N VAL A 178 -11.09 -4.61 8.66
CA VAL A 178 -11.15 -5.90 7.96
C VAL A 178 -9.79 -6.13 7.33
N ALA A 179 -9.23 -7.31 7.57
CA ALA A 179 -7.88 -7.61 7.17
C ALA A 179 -7.80 -9.06 6.72
N ILE A 180 -6.74 -9.37 6.01
CA ILE A 180 -6.41 -10.75 5.67
C ILE A 180 -5.01 -11.02 6.17
N GLY A 181 -4.62 -12.29 6.13
CA GLY A 181 -3.23 -12.67 6.30
C GLY A 181 -3.01 -13.88 5.42
N TYR A 182 -2.22 -13.75 4.35
CA TYR A 182 -1.96 -14.91 3.50
C TYR A 182 -0.67 -15.62 3.92
N ALA A 183 -0.42 -16.78 3.34
CA ALA A 183 0.62 -17.68 3.87
C ALA A 183 0.43 -17.87 5.36
N ALA A 184 -0.82 -18.06 5.77
CA ALA A 184 -1.18 -17.93 7.18
C ALA A 184 -0.62 -19.05 8.06
N SER A 185 -0.31 -20.21 7.49
CA SER A 185 0.24 -21.32 8.25
C SER A 185 1.74 -21.53 8.02
N GLY A 186 2.38 -20.64 7.28
CA GLY A 186 3.78 -20.79 6.97
C GLY A 186 4.10 -20.28 5.57
N LEU A 187 5.38 -20.09 5.32
CA LEU A 187 5.77 -19.50 4.04
C LEU A 187 5.20 -20.30 2.90
N CYS A 188 4.66 -19.59 1.91
CA CYS A 188 4.21 -20.17 0.64
C CYS A 188 3.03 -21.10 0.78
N THR A 189 2.36 -21.10 1.92
CA THR A 189 1.18 -21.93 2.09
C THR A 189 -0.02 -21.30 1.40
N ASP A 190 -1.03 -22.14 1.16
CA ASP A 190 -2.25 -21.70 0.49
C ASP A 190 -3.35 -21.33 1.47
N ASP A 191 -3.03 -21.19 2.75
CA ASP A 191 -3.99 -20.82 3.77
C ASP A 191 -4.03 -19.30 3.91
N VAL A 192 -5.22 -18.78 4.10
CA VAL A 192 -5.46 -17.36 4.30
C VAL A 192 -6.42 -17.20 5.46
N CYS A 193 -6.17 -16.19 6.29
CA CYS A 193 -7.12 -15.82 7.31
C CYS A 193 -7.80 -14.51 6.93
N LEU A 194 -9.08 -14.44 7.27
CA LEU A 194 -9.86 -13.21 7.26
C LEU A 194 -10.06 -12.81 8.70
N TYR A 195 -9.73 -11.56 9.01
CA TYR A 195 -9.84 -11.03 10.36
C TYR A 195 -10.75 -9.82 10.37
N GLU A 196 -11.53 -9.67 11.45
CA GLU A 196 -12.17 -8.39 11.73
C GLU A 196 -11.83 -7.98 13.14
N ILE A 197 -11.56 -6.68 13.27
CA ILE A 197 -11.10 -6.08 14.51
C ILE A 197 -12.06 -4.95 14.88
N SER A 198 -12.50 -4.95 16.14
CA SER A 198 -13.46 -3.98 16.63
C SER A 198 -12.81 -2.61 16.67
N PRO A 199 -13.60 -1.55 16.69
CA PRO A 199 -13.03 -0.21 16.82
C PRO A 199 -12.16 -0.04 18.05
N ASP A 200 -12.36 -0.86 19.09
CA ASP A 200 -11.57 -0.78 20.29
C ASP A 200 -10.29 -1.59 20.20
N GLY A 201 -10.04 -2.25 19.08
CA GLY A 201 -8.79 -2.96 18.86
C GLY A 201 -8.79 -4.42 19.20
N GLU A 202 -9.96 -5.00 19.46
CA GLU A 202 -10.06 -6.41 19.81
C GLU A 202 -10.36 -7.22 18.56
N LEU A 203 -9.74 -8.38 18.48
CA LEU A 203 -10.02 -9.29 17.37
C LEU A 203 -11.41 -9.89 17.56
N ILE A 204 -12.29 -9.66 16.59
CA ILE A 204 -13.64 -10.20 16.68
C ILE A 204 -13.66 -11.65 16.21
N TYR A 205 -13.15 -11.91 15.02
CA TYR A 205 -13.05 -13.28 14.53
C TYR A 205 -11.87 -13.41 13.60
N GLU A 206 -11.43 -14.65 13.46
CA GLU A 206 -10.44 -15.10 12.50
C GLU A 206 -11.02 -16.32 11.80
N ALA A 207 -11.13 -16.25 10.47
CA ALA A 207 -11.70 -17.34 9.68
C ALA A 207 -10.67 -17.80 8.67
N TRP A 208 -10.45 -19.11 8.62
CA TRP A 208 -9.45 -19.69 7.76
C TRP A 208 -10.09 -20.23 6.47
N PHE A 209 -9.36 -20.09 5.37
CA PHE A 209 -9.75 -20.71 4.11
C PHE A 209 -8.50 -20.92 3.28
N LYS A 210 -8.69 -21.56 2.12
CA LYS A 210 -7.61 -21.81 1.21
C LYS A 210 -7.90 -21.17 -0.14
N VAL A 211 -6.82 -20.85 -0.87
CA VAL A 211 -6.93 -20.17 -2.15
C VAL A 211 -6.50 -21.11 -3.27
N PRO A 212 -6.78 -20.77 -4.53
CA PRO A 212 -6.43 -21.69 -5.63
C PRO A 212 -4.96 -21.98 -5.73
N TYR A 213 -4.11 -20.99 -5.46
CA TYR A 213 -2.68 -21.18 -5.43
C TYR A 213 -2.07 -20.05 -4.61
N TYR A 214 -0.92 -20.36 -3.97
CA TYR A 214 -0.18 -19.34 -3.25
C TYR A 214 0.33 -18.31 -4.25
N CYS A 215 0.17 -17.03 -3.89
CA CYS A 215 0.63 -15.93 -4.71
C CYS A 215 0.68 -14.72 -3.79
N MET A 216 1.14 -13.60 -4.33
CA MET A 216 1.17 -12.35 -3.57
C MET A 216 -0.25 -11.82 -3.45
N MET A 217 -0.86 -12.01 -2.28
CA MET A 217 -2.20 -11.49 -1.99
C MET A 217 -2.02 -10.18 -1.20
N HIS A 218 -1.57 -9.19 -1.96
CA HIS A 218 -1.14 -7.91 -1.39
C HIS A 218 -2.32 -7.05 -0.97
N ASP A 219 -3.39 -7.02 -1.76
CA ASP A 219 -4.53 -6.18 -1.52
C ASP A 219 -5.79 -6.98 -1.73
N PHE A 220 -6.92 -6.33 -1.50
CA PHE A 220 -8.21 -6.99 -1.54
C PHE A 220 -9.26 -5.91 -1.40
N GLY A 221 -10.51 -6.29 -1.67
CA GLY A 221 -11.62 -5.41 -1.42
C GLY A 221 -12.50 -5.95 -0.32
N VAL A 222 -13.35 -5.06 0.22
CA VAL A 222 -14.34 -5.42 1.23
C VAL A 222 -15.65 -4.78 0.86
N THR A 223 -16.71 -5.54 1.00
CA THR A 223 -18.08 -5.04 0.87
C THR A 223 -18.82 -5.39 2.13
N LYS A 224 -20.11 -5.02 2.16
CA LYS A 224 -20.93 -5.31 3.32
C LYS A 224 -20.84 -6.78 3.70
N ASP A 225 -20.97 -7.67 2.70
CA ASP A 225 -21.07 -9.09 2.99
C ASP A 225 -19.81 -9.87 2.73
N TYR A 226 -18.81 -9.28 2.06
CA TYR A 226 -17.77 -10.10 1.46
C TYR A 226 -16.38 -9.51 1.59
N LEU A 227 -15.42 -10.43 1.68
CA LEU A 227 -14.05 -10.22 1.28
C LEU A 227 -13.93 -10.56 -0.20
N VAL A 228 -13.32 -9.65 -0.94
CA VAL A 228 -13.18 -9.73 -2.39
C VAL A 228 -11.70 -9.88 -2.68
N LEU A 229 -11.26 -11.08 -3.03
CA LEU A 229 -9.84 -11.42 -3.05
C LEU A 229 -9.40 -11.85 -4.44
N HIS A 230 -8.62 -10.98 -5.09
CA HIS A 230 -8.06 -11.34 -6.39
C HIS A 230 -6.84 -12.22 -6.22
N ILE A 231 -6.73 -13.20 -7.10
CA ILE A 231 -5.68 -14.22 -7.11
C ILE A 231 -4.95 -13.99 -8.43
N VAL A 232 -3.76 -13.41 -8.33
CA VAL A 232 -2.99 -12.92 -9.47
C VAL A 232 -1.64 -13.62 -9.43
N PRO A 233 -1.18 -14.24 -10.50
CA PRO A 233 -0.04 -15.17 -10.41
C PRO A 233 1.35 -14.56 -10.37
N SER A 234 1.56 -13.63 -9.43
CA SER A 234 2.90 -13.37 -8.89
C SER A 234 3.07 -14.44 -7.84
N ILE A 235 3.77 -15.51 -8.20
CA ILE A 235 3.79 -16.72 -7.40
C ILE A 235 5.15 -16.86 -6.78
N GLY A 236 5.18 -17.58 -5.66
CA GLY A 236 6.44 -17.90 -5.00
C GLY A 236 6.42 -19.35 -4.57
N SER A 237 7.59 -19.82 -4.17
CA SER A 237 7.72 -21.20 -3.73
C SER A 237 9.05 -21.35 -3.01
N TRP A 238 9.10 -22.35 -2.13
CA TRP A 238 10.39 -22.72 -1.53
C TRP A 238 11.40 -23.15 -2.60
N ASP A 239 10.94 -23.76 -3.70
CA ASP A 239 11.87 -24.12 -4.78
C ASP A 239 12.55 -22.90 -5.35
N ARG A 240 11.78 -21.81 -5.60
CA ARG A 240 12.43 -20.60 -6.07
C ARG A 240 13.49 -20.15 -5.09
N LEU A 241 13.18 -20.16 -3.80
CA LEU A 241 14.15 -19.68 -2.82
C LEU A 241 15.38 -20.57 -2.80
N GLU A 242 15.18 -21.87 -2.91
CA GLU A 242 16.33 -22.76 -2.91
C GLU A 242 17.22 -22.50 -4.12
N LYS A 243 16.63 -22.11 -5.25
CA LYS A 243 17.39 -21.82 -6.44
C LYS A 243 17.99 -20.43 -6.42
N GLY A 244 17.75 -19.64 -5.37
CA GLY A 244 18.27 -18.29 -5.33
C GLY A 244 17.54 -17.28 -6.17
N LEU A 245 16.31 -17.58 -6.56
CA LEU A 245 15.51 -16.66 -7.34
C LEU A 245 14.78 -15.69 -6.40
N PRO A 246 14.38 -14.54 -6.90
CA PRO A 246 13.48 -13.69 -6.11
C PRO A 246 12.25 -14.46 -5.67
N HIS A 247 11.77 -14.18 -4.46
CA HIS A 247 10.68 -15.00 -3.92
C HIS A 247 9.56 -15.11 -4.94
N PHE A 248 9.11 -13.98 -5.45
CA PHE A 248 8.02 -13.95 -6.41
C PHE A 248 8.51 -13.85 -7.85
N GLY A 249 7.73 -14.47 -8.74
CA GLY A 249 7.89 -14.31 -10.19
C GLY A 249 6.52 -14.43 -10.81
N PHE A 250 6.35 -13.82 -11.97
CA PHE A 250 5.04 -13.77 -12.60
C PHE A 250 4.91 -14.87 -13.63
N ASP A 251 3.78 -15.56 -13.60
CA ASP A 251 3.48 -16.66 -14.51
C ASP A 251 2.31 -16.23 -15.38
N THR A 252 2.61 -15.93 -16.65
CA THR A 252 1.61 -15.50 -17.61
C THR A 252 0.67 -16.63 -18.01
N THR A 253 0.95 -17.86 -17.63
CA THR A 253 0.14 -18.99 -18.07
C THR A 253 -0.95 -19.38 -17.08
N LEU A 254 -0.98 -18.80 -15.92
CA LEU A 254 -1.96 -19.17 -14.93
C LEU A 254 -3.18 -18.27 -15.03
N PRO A 255 -4.35 -18.81 -14.75
CA PRO A 255 -5.56 -17.98 -14.68
C PRO A 255 -5.51 -17.05 -13.49
N VAL A 256 -6.32 -15.99 -13.59
CA VAL A 256 -6.59 -15.07 -12.49
C VAL A 256 -7.94 -15.44 -11.93
N TYR A 257 -8.07 -15.44 -10.61
CA TYR A 257 -9.35 -15.69 -9.98
C TYR A 257 -9.76 -14.45 -9.19
N LEU A 258 -11.06 -14.35 -8.97
CA LEU A 258 -11.60 -13.42 -8.00
C LEU A 258 -12.43 -14.25 -7.03
N GLY A 259 -12.03 -14.27 -5.78
CA GLY A 259 -12.77 -14.97 -4.74
C GLY A 259 -13.72 -14.05 -4.02
N ILE A 260 -14.92 -14.54 -3.77
CA ILE A 260 -15.94 -13.82 -3.03
C ILE A 260 -16.18 -14.65 -1.77
N ILE A 261 -15.71 -14.13 -0.64
CA ILE A 261 -15.59 -14.88 0.60
C ILE A 261 -16.50 -14.22 1.61
N PRO A 262 -17.47 -14.92 2.18
CA PRO A 262 -18.36 -14.28 3.16
C PRO A 262 -17.61 -13.80 4.39
N ARG A 263 -17.97 -12.60 4.83
CA ARG A 263 -17.44 -11.99 6.05
C ARG A 263 -18.15 -12.58 7.25
N ARG A 264 -17.78 -13.81 7.57
CA ARG A 264 -18.47 -14.55 8.62
C ARG A 264 -17.49 -15.39 9.40
N ALA A 265 -17.60 -15.33 10.74
CA ALA A 265 -16.75 -16.15 11.57
C ALA A 265 -16.93 -17.63 11.31
N ASP A 266 -18.12 -18.03 10.86
CA ASP A 266 -18.40 -19.43 10.57
C ASP A 266 -18.06 -19.83 9.15
N LEU A 267 -17.26 -19.04 8.45
CA LEU A 267 -16.88 -19.36 7.06
C LEU A 267 -16.41 -20.79 6.96
N LYS A 268 -16.91 -21.48 5.94
CA LYS A 268 -16.36 -22.73 5.48
C LYS A 268 -15.93 -22.61 4.02
N GLN A 269 -14.99 -23.45 3.64
CA GLN A 269 -14.47 -23.37 2.28
C GLN A 269 -15.58 -23.40 1.25
N GLU A 270 -16.58 -24.27 1.47
CA GLU A 270 -17.66 -24.43 0.51
C GLU A 270 -18.49 -23.19 0.34
N ASP A 271 -18.34 -22.18 1.20
CA ASP A 271 -19.13 -20.97 1.09
C ASP A 271 -18.56 -20.00 0.06
N ILE A 272 -17.34 -20.24 -0.42
CA ILE A 272 -16.61 -19.28 -1.26
C ILE A 272 -16.93 -19.55 -2.71
N ARG A 273 -17.07 -18.48 -3.49
CA ARG A 273 -17.17 -18.59 -4.94
C ARG A 273 -15.86 -18.06 -5.53
N TRP A 274 -15.31 -18.80 -6.48
CA TRP A 274 -14.14 -18.39 -7.24
C TRP A 274 -14.56 -18.16 -8.67
N PHE A 275 -14.39 -16.95 -9.14
CA PHE A 275 -14.60 -16.61 -10.55
C PHE A 275 -13.25 -16.60 -11.22
N LYS A 276 -13.22 -16.96 -12.50
CA LYS A 276 -11.99 -17.18 -13.21
C LYS A 276 -11.94 -16.36 -14.49
N ARG A 277 -10.76 -15.80 -14.79
CA ARG A 277 -10.56 -15.06 -16.02
C ARG A 277 -9.17 -15.33 -16.56
N GLU A 278 -8.93 -14.80 -17.76
CA GLU A 278 -7.64 -14.97 -18.38
C GLU A 278 -6.58 -14.16 -17.64
N ASN A 279 -5.36 -14.60 -17.79
CA ASN A 279 -4.21 -14.00 -17.11
C ASN A 279 -4.13 -12.50 -17.35
N CYS A 280 -3.80 -11.80 -16.28
CA CYS A 280 -3.53 -10.38 -16.30
C CYS A 280 -2.86 -10.08 -14.97
N PHE A 281 -2.54 -8.81 -14.75
CA PHE A 281 -1.95 -8.38 -13.49
C PHE A 281 -2.82 -7.31 -12.88
N ALA A 282 -3.09 -7.46 -11.58
CA ALA A 282 -3.63 -6.37 -10.80
C ALA A 282 -3.11 -6.51 -9.39
N SER A 283 -2.86 -5.37 -8.75
CA SER A 283 -2.35 -5.35 -7.39
C SER A 283 -3.34 -4.62 -6.49
N HIS A 284 -3.51 -3.33 -6.66
CA HIS A 284 -4.29 -2.57 -5.72
C HIS A 284 -5.76 -2.49 -6.07
N VAL A 285 -6.54 -2.25 -5.04
CA VAL A 285 -7.99 -2.10 -5.13
C VAL A 285 -8.34 -0.65 -4.81
N MET A 286 -9.03 0.02 -5.74
CA MET A 286 -9.59 1.32 -5.43
C MET A 286 -10.72 1.17 -4.42
N ASN A 287 -11.71 0.36 -4.75
CA ASN A 287 -12.83 0.08 -3.87
C ASN A 287 -13.57 -1.11 -4.46
N ALA A 288 -14.38 -1.74 -3.63
CA ALA A 288 -15.34 -2.75 -4.07
C ALA A 288 -16.68 -2.43 -3.47
N PHE A 289 -17.74 -2.90 -4.13
CA PHE A 289 -19.08 -2.69 -3.60
C PHE A 289 -20.03 -3.71 -4.24
N GLN A 290 -21.16 -3.88 -3.60
CA GLN A 290 -22.21 -4.78 -4.08
C GLN A 290 -23.30 -3.99 -4.79
N GLU A 291 -23.96 -4.67 -5.72
CA GLU A 291 -25.13 -4.11 -6.39
C GLU A 291 -26.03 -5.31 -6.67
N GLY A 292 -27.14 -5.43 -5.96
CA GLY A 292 -27.98 -6.60 -6.19
C GLY A 292 -27.17 -7.83 -5.83
N THR A 293 -27.16 -8.84 -6.70
CA THR A 293 -26.37 -10.03 -6.46
C THR A 293 -24.97 -9.95 -7.05
N LYS A 294 -24.57 -8.79 -7.55
CA LYS A 294 -23.25 -8.61 -8.11
C LYS A 294 -22.28 -7.97 -7.12
N VAL A 295 -21.02 -8.21 -7.40
CA VAL A 295 -19.91 -7.60 -6.69
C VAL A 295 -19.07 -6.92 -7.75
N HIS A 296 -18.69 -5.67 -7.51
CA HIS A 296 -17.83 -4.91 -8.39
C HIS A 296 -16.55 -4.59 -7.61
N VAL A 297 -15.42 -4.71 -8.28
CA VAL A 297 -14.16 -4.25 -7.68
C VAL A 297 -13.37 -3.53 -8.75
N ASP A 298 -12.82 -2.36 -8.39
CA ASP A 298 -12.12 -1.49 -9.32
C ASP A 298 -10.65 -1.59 -9.04
N VAL A 299 -9.90 -2.05 -10.03
CA VAL A 299 -8.47 -2.30 -9.86
C VAL A 299 -7.70 -1.72 -11.04
N PRO A 300 -6.47 -1.27 -10.89
CA PRO A 300 -5.63 -0.95 -12.06
C PRO A 300 -5.16 -2.26 -12.65
N GLU A 301 -5.65 -2.57 -13.85
CA GLU A 301 -5.35 -3.82 -14.51
C GLU A 301 -4.29 -3.58 -15.57
N ALA A 302 -3.25 -4.40 -15.57
CA ALA A 302 -2.24 -4.41 -16.61
C ALA A 302 -2.28 -5.73 -17.35
N GLU A 303 -1.80 -5.71 -18.58
CA GLU A 303 -1.71 -6.94 -19.36
C GLU A 303 -0.76 -7.96 -18.75
N ASN A 304 0.30 -7.51 -18.07
CA ASN A 304 1.34 -8.41 -17.59
C ASN A 304 1.91 -7.80 -16.32
N ASN A 305 2.91 -8.48 -15.79
CA ASN A 305 3.57 -8.14 -14.53
C ASN A 305 3.99 -6.69 -14.43
N MET A 306 3.84 -6.13 -13.23
CA MET A 306 4.27 -4.77 -12.95
C MET A 306 5.54 -4.71 -12.10
N PHE A 307 6.06 -5.85 -11.66
CA PHE A 307 7.21 -5.89 -10.75
C PHE A 307 8.43 -6.45 -11.48
N PRO A 308 9.31 -5.60 -12.03
CA PRO A 308 10.46 -6.17 -12.77
C PRO A 308 11.38 -7.03 -11.93
N PHE A 309 11.42 -6.75 -10.61
CA PHE A 309 12.26 -7.45 -9.67
C PHE A 309 11.69 -8.78 -9.24
N PHE A 310 10.46 -9.09 -9.68
CA PHE A 310 9.82 -10.38 -9.46
C PHE A 310 9.53 -10.90 -10.87
N PRO A 311 10.54 -11.42 -11.56
CA PRO A 311 10.48 -11.52 -13.02
C PRO A 311 9.59 -12.64 -13.52
N ASP A 312 9.30 -12.58 -14.82
CA ASP A 312 8.63 -13.64 -15.53
C ASP A 312 9.27 -14.99 -15.26
N VAL A 313 8.45 -15.98 -14.88
CA VAL A 313 9.00 -17.26 -14.42
C VAL A 313 9.57 -18.08 -15.57
N HIS A 314 9.21 -17.76 -16.80
CA HIS A 314 9.74 -18.46 -17.97
C HIS A 314 10.88 -17.70 -18.63
N GLY A 315 11.40 -16.66 -17.98
CA GLY A 315 12.59 -15.98 -18.45
C GLY A 315 12.36 -14.83 -19.39
N ALA A 316 11.12 -14.42 -19.61
CA ALA A 316 10.89 -13.30 -20.51
C ALA A 316 11.45 -12.03 -19.91
N PRO A 317 12.04 -11.17 -20.71
CA PRO A 317 12.44 -9.85 -20.22
C PRO A 317 11.21 -9.05 -19.83
N PHE A 318 11.42 -8.11 -18.92
CA PHE A 318 10.33 -7.26 -18.49
C PHE A 318 9.79 -6.45 -19.67
N ASN A 319 8.46 -6.31 -19.71
CA ASN A 319 7.79 -5.55 -20.77
C ASN A 319 7.10 -4.33 -20.19
N PRO A 320 7.70 -3.14 -20.29
CA PRO A 320 7.09 -1.98 -19.66
C PRO A 320 5.77 -1.60 -20.25
N GLN A 321 5.58 -1.78 -21.54
CA GLN A 321 4.30 -1.39 -22.12
C GLN A 321 3.19 -2.24 -21.55
N GLN A 322 3.42 -3.54 -21.39
CA GLN A 322 2.41 -4.44 -20.85
C GLN A 322 2.21 -4.24 -19.36
N ALA A 323 3.04 -3.45 -18.71
CA ALA A 323 2.93 -3.17 -17.29
C ALA A 323 2.08 -1.94 -17.03
N MET A 324 1.64 -1.26 -18.07
N MET A 324 1.54 -1.31 -18.06
CA MET A 324 0.78 -0.10 -17.89
CA MET A 324 0.79 -0.07 -17.89
C MET A 324 -0.58 -0.57 -17.41
C MET A 324 -0.66 -0.36 -17.49
N SER A 325 -0.96 -0.09 -16.23
CA SER A 325 -2.25 -0.43 -15.64
C SER A 325 -3.26 0.68 -15.84
N ARG A 326 -4.50 0.28 -16.04
CA ARG A 326 -5.61 1.22 -16.19
C ARG A 326 -6.74 0.76 -15.31
N LEU A 327 -7.35 1.68 -14.60
CA LEU A 327 -8.44 1.37 -13.70
C LEU A 327 -9.56 0.67 -14.47
N THR A 328 -9.95 -0.48 -13.97
CA THR A 328 -10.88 -1.40 -14.63
C THR A 328 -11.81 -1.97 -13.58
N ARG A 329 -13.10 -2.06 -13.93
CA ARG A 329 -14.09 -2.64 -13.03
C ARG A 329 -14.25 -4.11 -13.39
N TRP A 330 -14.01 -4.97 -12.41
CA TRP A 330 -14.30 -6.39 -12.50
C TRP A 330 -15.63 -6.62 -11.81
N THR A 331 -16.58 -7.23 -12.52
CA THR A 331 -17.89 -7.50 -11.97
C THR A 331 -18.13 -9.00 -12.03
N VAL A 332 -18.56 -9.55 -10.92
CA VAL A 332 -19.00 -10.94 -10.86
C VAL A 332 -20.40 -10.96 -10.29
N ASP A 333 -21.17 -11.98 -10.67
CA ASP A 333 -22.54 -12.13 -10.18
C ASP A 333 -22.64 -13.39 -9.35
N MET A 334 -22.98 -13.23 -8.08
CA MET A 334 -23.06 -14.38 -7.19
C MET A 334 -24.14 -15.36 -7.61
N ALA A 335 -25.05 -14.91 -8.43
CA ALA A 335 -26.10 -15.78 -8.93
C ALA A 335 -25.75 -16.42 -10.26
N SER A 336 -24.55 -16.20 -10.79
CA SER A 336 -24.23 -16.69 -12.12
C SER A 336 -23.96 -18.20 -12.07
N ASN A 337 -24.26 -18.86 -13.17
CA ASN A 337 -24.05 -20.30 -13.22
C ASN A 337 -22.59 -20.67 -13.33
N SER A 338 -21.85 -20.03 -14.21
CA SER A 338 -20.48 -20.43 -14.49
C SER A 338 -19.52 -19.66 -13.60
N ASP A 339 -18.24 -19.95 -13.81
CA ASP A 339 -17.20 -19.23 -13.12
C ASP A 339 -16.72 -18.03 -13.88
N GLU A 340 -17.39 -17.64 -14.94
CA GLU A 340 -16.92 -16.50 -15.71
C GLU A 340 -17.30 -15.20 -15.02
N PHE A 341 -16.48 -14.19 -15.22
CA PHE A 341 -16.81 -12.86 -14.76
C PHE A 341 -18.06 -12.41 -15.52
N ASP A 342 -18.82 -11.51 -14.90
CA ASP A 342 -19.96 -10.90 -15.57
C ASP A 342 -19.52 -9.84 -16.56
N SER A 343 -18.52 -9.04 -16.21
CA SER A 343 -18.00 -8.00 -17.09
C SER A 343 -16.62 -7.62 -16.60
N VAL A 344 -15.80 -7.15 -17.55
CA VAL A 344 -14.55 -6.47 -17.26
C VAL A 344 -14.57 -5.20 -18.06
N THR A 345 -14.56 -4.04 -17.39
CA THR A 345 -14.81 -2.80 -18.08
C THR A 345 -13.78 -1.75 -17.69
N ARG A 346 -12.95 -1.36 -18.64
CA ARG A 346 -11.99 -0.29 -18.39
C ARG A 346 -12.74 0.99 -18.08
N LEU A 347 -12.31 1.68 -17.02
CA LEU A 347 -13.01 2.88 -16.58
C LEU A 347 -12.29 4.15 -17.00
N THR A 348 -11.04 4.07 -17.39
CA THR A 348 -10.31 5.21 -17.89
C THR A 348 -9.24 4.72 -18.83
N GLU A 349 -8.86 5.56 -19.79
CA GLU A 349 -7.71 5.27 -20.60
C GLU A 349 -6.42 5.86 -20.03
N THR A 350 -6.52 6.60 -18.94
CA THR A 350 -5.34 7.06 -18.25
C THR A 350 -4.67 5.89 -17.54
N ALA A 351 -3.36 5.76 -17.71
CA ALA A 351 -2.62 4.73 -17.01
C ALA A 351 -2.25 5.24 -15.63
N GLY A 352 -2.43 4.42 -14.63
CA GLY A 352 -2.16 4.90 -13.29
C GLY A 352 -2.21 3.79 -12.27
N GLU A 353 -1.83 4.13 -11.05
CA GLU A 353 -1.84 3.16 -9.96
C GLU A 353 -1.98 3.95 -8.67
N PHE A 354 -1.69 3.31 -7.55
CA PHE A 354 -1.90 3.88 -6.22
C PHE A 354 -3.29 4.51 -6.09
N PRO A 355 -4.33 3.72 -6.35
CA PRO A 355 -5.69 4.25 -6.26
C PRO A 355 -6.10 4.48 -4.83
N ARG A 356 -6.92 5.54 -4.66
CA ARG A 356 -7.47 5.90 -3.37
C ARG A 356 -8.89 6.42 -3.53
N ILE A 357 -9.62 6.33 -2.44
CA ILE A 357 -10.96 6.86 -2.32
C ILE A 357 -11.06 7.70 -1.05
N ASP A 358 -12.19 8.37 -0.92
CA ASP A 358 -12.65 8.82 0.40
C ASP A 358 -13.04 7.57 1.17
N ASP A 359 -12.24 7.19 2.17
CA ASP A 359 -12.37 5.88 2.81
C ASP A 359 -13.68 5.71 3.55
N ARG A 360 -14.47 6.77 3.73
CA ARG A 360 -15.81 6.61 4.23
C ARG A 360 -16.68 5.81 3.26
N MET A 361 -16.25 5.68 2.00
CA MET A 361 -17.01 4.95 0.99
C MET A 361 -16.56 3.51 0.84
N THR A 362 -15.68 3.03 1.71
CA THR A 362 -15.18 1.65 1.61
C THR A 362 -16.35 0.71 1.56
N GLY A 363 -16.41 -0.09 0.51
CA GLY A 363 -17.46 -1.09 0.38
C GLY A 363 -18.76 -0.60 -0.17
N LEU A 364 -18.86 0.67 -0.53
CA LEU A 364 -20.10 1.29 -0.92
C LEU A 364 -19.98 1.78 -2.35
N PRO A 365 -21.09 1.86 -3.07
CA PRO A 365 -21.08 2.59 -4.33
C PRO A 365 -20.52 3.99 -4.10
N TYR A 366 -19.70 4.45 -5.06
CA TYR A 366 -18.89 5.62 -4.82
C TYR A 366 -18.65 6.38 -6.11
N ARG A 367 -18.41 7.69 -5.93
CA ARG A 367 -18.30 8.59 -7.06
C ARG A 367 -16.85 8.93 -7.43
N TYR A 368 -15.95 9.03 -6.47
CA TYR A 368 -14.66 9.61 -6.74
C TYR A 368 -13.52 8.65 -6.46
N GLY A 369 -12.52 8.71 -7.31
CA GLY A 369 -11.29 7.98 -7.08
C GLY A 369 -10.11 8.80 -7.51
N TRP A 370 -9.02 8.75 -6.74
CA TRP A 370 -7.80 9.43 -7.08
C TRP A 370 -6.72 8.40 -7.38
N MET A 371 -5.79 8.75 -8.27
CA MET A 371 -4.71 7.85 -8.60
C MET A 371 -3.47 8.67 -8.91
N LEU A 372 -2.33 7.97 -8.93
CA LEU A 372 -1.14 8.48 -9.56
C LEU A 372 -1.12 8.04 -11.00
N GLU A 373 -0.91 8.97 -11.88
CA GLU A 373 -0.91 8.69 -13.29
C GLU A 373 0.50 8.70 -13.84
N MET A 374 0.77 7.75 -14.74
N MET A 374 0.72 7.86 -14.83
CA MET A 374 1.94 7.80 -15.60
CA MET A 374 1.97 7.85 -15.57
C MET A 374 1.47 8.42 -16.92
C MET A 374 1.61 8.40 -16.95
N ASP A 375 1.72 9.72 -17.11
CA ASP A 375 1.40 10.41 -18.37
C ASP A 375 2.67 10.45 -19.21
N MET A 376 2.75 9.50 -20.13
CA MET A 376 3.95 9.32 -20.93
C MET A 376 4.16 10.37 -22.01
N LYS A 377 3.19 11.23 -22.20
CA LYS A 377 3.32 12.31 -23.17
C LYS A 377 3.89 13.59 -22.58
N ARG A 378 4.11 13.64 -21.27
CA ARG A 378 4.65 14.85 -20.67
C ARG A 378 6.17 14.86 -20.80
N PRO A 379 6.78 16.03 -20.90
CA PRO A 379 8.24 16.09 -20.90
C PRO A 379 8.79 15.63 -19.56
N VAL A 380 9.99 15.03 -19.60
CA VAL A 380 10.70 14.58 -18.41
C VAL A 380 12.16 14.95 -18.57
N GLU A 381 12.67 15.79 -17.67
CA GLU A 381 14.10 16.09 -17.60
C GLU A 381 14.80 15.29 -16.50
N LEU A 382 14.06 14.76 -15.54
CA LEU A 382 14.62 13.95 -14.46
C LEU A 382 13.65 12.84 -14.12
N LYS A 383 14.20 11.64 -13.90
CA LYS A 383 13.42 10.46 -13.53
C LYS A 383 13.84 9.96 -12.15
N GLY A 384 12.89 9.38 -11.45
CA GLY A 384 13.15 8.88 -10.11
C GLY A 384 11.87 8.72 -9.33
N GLY A 385 11.98 8.01 -8.25
CA GLY A 385 10.86 7.90 -7.36
C GLY A 385 10.06 6.62 -7.47
N SER A 386 10.34 5.73 -8.41
CA SER A 386 9.54 4.51 -8.55
C SER A 386 10.43 3.27 -8.51
N ALA A 387 10.04 2.28 -7.70
CA ALA A 387 10.81 1.05 -7.56
C ALA A 387 10.91 0.28 -8.88
N GLY A 388 9.87 0.33 -9.71
CA GLY A 388 9.84 -0.44 -10.95
C GLY A 388 10.21 0.37 -12.18
N GLY A 389 10.39 1.67 -12.01
CA GLY A 389 10.80 2.54 -13.09
C GLY A 389 9.68 3.26 -13.80
N PHE A 390 8.47 3.25 -13.25
CA PHE A 390 7.39 4.06 -13.80
C PHE A 390 7.58 5.48 -13.31
N LEU A 391 7.29 6.44 -14.16
CA LEU A 391 7.34 7.83 -13.71
C LEU A 391 5.91 8.24 -13.39
N MET A 392 5.65 8.45 -12.10
N MET A 392 5.67 8.47 -12.10
CA MET A 392 4.33 8.86 -11.65
CA MET A 392 4.36 8.88 -11.61
C MET A 392 4.38 10.37 -11.55
C MET A 392 4.40 10.39 -11.54
N ASN A 393 3.82 11.05 -12.55
CA ASN A 393 4.03 12.47 -12.73
C ASN A 393 2.75 13.28 -12.67
N CYS A 394 1.60 12.68 -12.39
N CYS A 394 1.60 12.64 -12.48
CA CYS A 394 0.34 13.42 -12.46
CA CYS A 394 0.37 13.38 -12.36
C CYS A 394 -0.63 12.86 -11.44
C CYS A 394 -0.45 12.85 -11.20
N LEU A 395 -1.26 13.75 -10.65
CA LEU A 395 -2.35 13.36 -9.78
C LEU A 395 -3.61 13.38 -10.63
N PHE A 396 -4.40 12.32 -10.54
CA PHE A 396 -5.58 12.08 -11.37
C PHE A 396 -6.79 11.88 -10.49
N LEU A 397 -7.91 12.50 -10.87
CA LEU A 397 -9.18 12.30 -10.19
C LEU A 397 -10.19 11.83 -11.24
N LYS A 398 -10.87 10.72 -10.94
CA LYS A 398 -11.94 10.19 -11.79
C LYS A 398 -13.27 10.39 -11.08
N ASP A 399 -14.26 10.88 -11.83
CA ASP A 399 -15.64 11.00 -11.39
C ASP A 399 -16.45 9.91 -12.10
N HIS A 400 -16.86 8.90 -11.34
CA HIS A 400 -17.59 7.77 -11.93
C HIS A 400 -19.01 8.14 -12.27
N GLN A 401 -19.51 9.25 -11.78
CA GLN A 401 -20.89 9.65 -12.11
C GLN A 401 -20.94 10.30 -13.48
N THR A 402 -20.04 11.24 -13.73
CA THR A 402 -20.04 11.96 -15.00
C THR A 402 -19.03 11.43 -15.98
N GLY A 403 -18.05 10.65 -15.52
CA GLY A 403 -16.93 10.25 -16.32
C GLY A 403 -15.78 11.26 -16.37
N ALA A 404 -15.98 12.46 -15.85
CA ALA A 404 -14.97 13.50 -15.99
C ALA A 404 -13.68 13.09 -15.29
N GLU A 405 -12.59 13.63 -15.79
CA GLU A 405 -11.27 13.41 -15.24
C GLU A 405 -10.58 14.73 -15.01
N GLN A 406 -9.88 14.85 -13.88
CA GLN A 406 -9.00 15.96 -13.63
C GLN A 406 -7.57 15.44 -13.54
N HIS A 407 -6.63 16.29 -13.95
CA HIS A 407 -5.23 15.96 -13.94
C HIS A 407 -4.43 17.13 -13.41
N TRP A 408 -3.41 16.85 -12.60
CA TRP A 408 -2.42 17.86 -12.25
C TRP A 408 -1.03 17.27 -12.40
N TRP A 409 -0.22 17.89 -13.25
CA TRP A 409 1.13 17.46 -13.51
C TRP A 409 2.09 18.19 -12.61
N CYS A 410 3.03 17.44 -12.04
CA CYS A 410 3.98 18.01 -11.10
C CYS A 410 5.19 18.62 -11.76
N GLY A 411 5.24 18.66 -13.08
CA GLY A 411 6.34 19.30 -13.75
C GLY A 411 7.43 18.31 -14.12
N PRO A 412 8.42 18.81 -14.87
CA PRO A 412 9.32 17.91 -15.60
C PRO A 412 10.49 17.37 -14.78
N THR A 413 10.66 17.80 -13.53
CA THR A 413 11.78 17.33 -12.73
C THR A 413 11.28 16.73 -11.43
N SER A 414 10.00 16.39 -11.37
CA SER A 414 9.43 15.88 -10.14
C SER A 414 8.67 14.59 -10.39
N SER A 415 8.33 13.92 -9.30
CA SER A 415 7.42 12.78 -9.37
C SER A 415 6.59 12.79 -8.10
N LEU A 416 5.59 11.91 -8.04
CA LEU A 416 4.60 11.96 -6.97
C LEU A 416 4.52 10.63 -6.24
N GLN A 417 4.14 10.72 -4.96
CA GLN A 417 3.82 9.56 -4.13
C GLN A 417 2.32 9.47 -3.88
N GLU A 418 1.91 8.39 -3.23
CA GLU A 418 0.49 8.08 -3.11
C GLU A 418 -0.27 9.21 -2.43
N PRO A 419 -1.40 9.63 -2.98
CA PRO A 419 -2.25 10.61 -2.30
C PRO A 419 -3.04 9.97 -1.18
N ALA A 420 -3.57 10.80 -0.30
CA ALA A 420 -4.45 10.36 0.76
C ALA A 420 -5.53 11.41 0.93
N PHE A 421 -6.76 10.95 1.12
CA PHE A 421 -7.91 11.84 1.28
C PHE A 421 -8.19 12.17 2.74
N ILE A 422 -8.51 13.43 2.95
CA ILE A 422 -8.81 13.98 4.27
C ILE A 422 -10.24 14.50 4.23
N PRO A 423 -11.18 13.86 4.92
CA PRO A 423 -12.55 14.37 4.93
C PRO A 423 -12.65 15.68 5.68
N ARG A 424 -13.52 16.58 5.21
CA ARG A 424 -13.75 17.82 5.93
C ARG A 424 -14.35 17.59 7.30
N SER A 425 -15.27 16.64 7.42
CA SER A 425 -15.90 16.27 8.67
C SER A 425 -16.53 14.90 8.49
N LYS A 426 -16.97 14.31 9.59
CA LYS A 426 -17.47 12.95 9.54
C LYS A 426 -18.65 12.81 8.59
N ASP A 427 -19.53 13.81 8.56
CA ASP A 427 -20.76 13.76 7.77
C ASP A 427 -20.69 14.59 6.49
N ALA A 428 -19.52 15.10 6.13
CA ALA A 428 -19.42 15.85 4.88
C ALA A 428 -19.70 14.94 3.70
N PRO A 429 -20.14 15.50 2.58
CA PRO A 429 -20.39 14.67 1.40
C PRO A 429 -19.12 13.98 0.93
N GLU A 430 -19.31 12.92 0.16
CA GLU A 430 -18.17 12.21 -0.40
C GLU A 430 -17.24 13.18 -1.13
N GLY A 431 -15.96 13.07 -0.82
CA GLY A 431 -14.98 13.83 -1.54
C GLY A 431 -14.86 15.27 -1.09
N ASP A 432 -15.63 15.68 -0.11
CA ASP A 432 -15.51 17.05 0.43
C ASP A 432 -14.35 17.05 1.41
N GLY A 433 -13.25 17.62 1.00
CA GLY A 433 -12.05 17.63 1.82
C GLY A 433 -10.85 17.92 0.96
N TRP A 434 -9.72 17.32 1.35
CA TRP A 434 -8.44 17.63 0.77
C TRP A 434 -7.71 16.36 0.40
N ILE A 435 -6.76 16.51 -0.52
CA ILE A 435 -5.80 15.44 -0.84
C ILE A 435 -4.44 15.93 -0.38
N VAL A 436 -3.70 15.05 0.28
CA VAL A 436 -2.30 15.31 0.57
C VAL A 436 -1.43 14.26 -0.11
N GLN A 437 -0.23 14.67 -0.52
CA GLN A 437 0.70 13.71 -1.06
C GLN A 437 2.10 14.29 -1.04
N VAL A 438 3.07 13.38 -0.92
CA VAL A 438 4.45 13.75 -1.07
C VAL A 438 4.78 13.91 -2.55
N CYS A 439 5.55 14.95 -2.83
CA CYS A 439 6.12 15.18 -4.14
C CYS A 439 7.63 15.11 -4.05
N ASN A 440 8.22 14.27 -4.91
CA ASN A 440 9.67 14.19 -5.01
C ASN A 440 10.14 15.29 -5.93
N ARG A 441 10.88 16.27 -5.37
CA ARG A 441 11.49 17.33 -6.16
C ARG A 441 12.88 16.85 -6.51
N LEU A 442 12.96 16.09 -7.59
CA LEU A 442 14.16 15.34 -7.92
C LEU A 442 15.31 16.24 -8.27
N ALA A 443 15.05 17.38 -8.87
CA ALA A 443 16.18 18.25 -9.24
C ALA A 443 16.75 18.93 -8.01
N ASP A 444 15.93 19.10 -6.98
CA ASP A 444 16.32 19.77 -5.75
C ASP A 444 16.75 18.78 -4.67
N HIS A 445 16.66 17.50 -4.93
CA HIS A 445 16.94 16.47 -3.96
C HIS A 445 16.21 16.69 -2.66
N LYS A 446 14.95 17.07 -2.75
CA LYS A 446 14.14 17.31 -1.57
C LYS A 446 12.74 16.83 -1.86
N SER A 447 11.89 16.91 -0.85
CA SER A 447 10.49 16.58 -0.99
C SER A 447 9.62 17.72 -0.50
N ASP A 448 8.42 17.81 -1.08
CA ASP A 448 7.36 18.67 -0.61
C ASP A 448 6.18 17.81 -0.18
N LEU A 449 5.38 18.34 0.72
CA LEU A 449 4.03 17.82 0.94
C LEU A 449 3.07 18.78 0.27
N LEU A 450 2.27 18.24 -0.65
CA LEU A 450 1.27 19.02 -1.37
C LEU A 450 -0.08 18.83 -0.71
N ILE A 451 -0.84 19.93 -0.63
CA ILE A 451 -2.22 19.89 -0.16
C ILE A 451 -3.10 20.44 -1.25
N PHE A 452 -4.10 19.63 -1.67
CA PHE A 452 -5.03 20.02 -2.72
C PHE A 452 -6.43 20.06 -2.14
N GLU A 453 -7.26 20.96 -2.70
CA GLU A 453 -8.71 20.79 -2.59
C GLU A 453 -9.07 19.57 -3.42
N ALA A 454 -9.71 18.57 -2.79
CA ALA A 454 -9.73 17.22 -3.35
C ALA A 454 -10.46 17.11 -4.67
N LEU A 455 -11.45 17.96 -4.89
CA LEU A 455 -12.25 17.95 -6.13
C LEU A 455 -11.89 19.10 -7.05
N ASP A 456 -10.77 19.75 -6.84
CA ASP A 456 -10.35 20.87 -7.66
C ASP A 456 -8.82 20.82 -7.69
N ILE A 457 -8.32 19.76 -8.32
CA ILE A 457 -6.89 19.53 -8.33
C ILE A 457 -6.19 20.20 -9.50
N GLU A 458 -6.94 20.56 -10.55
CA GLU A 458 -6.25 21.05 -11.75
C GLU A 458 -5.59 22.38 -11.54
N LYS A 459 -6.06 23.16 -10.59
CA LYS A 459 -5.41 24.42 -10.29
C LYS A 459 -4.15 24.25 -9.48
N GLY A 460 -3.85 23.02 -9.07
CA GLY A 460 -2.65 22.75 -8.32
C GLY A 460 -2.90 22.86 -6.84
N PRO A 461 -1.84 22.59 -6.07
CA PRO A 461 -2.01 22.54 -4.61
C PRO A 461 -2.28 23.91 -4.06
N VAL A 462 -3.08 23.95 -2.99
CA VAL A 462 -3.34 25.21 -2.28
C VAL A 462 -2.23 25.52 -1.29
N ALA A 463 -1.44 24.53 -0.90
CA ALA A 463 -0.27 24.73 -0.05
C ALA A 463 0.79 23.75 -0.46
N THR A 464 2.03 24.18 -0.34
CA THR A 464 3.22 23.37 -0.61
C THR A 464 4.13 23.48 0.60
N VAL A 465 4.32 22.37 1.29
CA VAL A 465 5.17 22.33 2.47
C VAL A 465 6.53 21.79 2.03
N HIS A 466 7.60 22.56 2.26
CA HIS A 466 8.91 22.12 1.84
C HIS A 466 9.58 21.34 2.96
N LEU A 467 10.08 20.18 2.68
CA LEU A 467 10.97 19.50 3.60
C LEU A 467 12.41 19.85 3.23
N PRO A 468 13.28 20.05 4.20
CA PRO A 468 14.66 20.39 3.89
C PRO A 468 15.55 19.19 3.67
N PHE A 469 14.92 18.11 3.18
CA PHE A 469 15.64 16.87 2.83
C PHE A 469 14.69 16.06 1.97
N ALA A 470 15.23 14.99 1.40
CA ALA A 470 14.43 14.12 0.56
C ALA A 470 13.92 12.91 1.33
N LEU A 471 12.64 12.63 1.17
CA LEU A 471 12.10 11.32 1.47
C LEU A 471 12.49 10.37 0.35
N ARG A 472 12.50 9.10 0.70
CA ARG A 472 12.65 8.00 -0.26
C ARG A 472 11.29 7.60 -0.79
N PHE A 473 11.32 6.71 -1.79
CA PHE A 473 10.13 6.08 -2.31
C PHE A 473 9.27 5.63 -1.14
N GLY A 474 7.96 5.92 -1.22
CA GLY A 474 7.03 5.53 -0.19
C GLY A 474 6.08 4.47 -0.70
N LEU A 475 5.42 3.83 0.25
CA LEU A 475 4.29 2.96 -0.07
C LEU A 475 3.05 3.68 0.42
N HIS A 476 2.35 3.14 1.41
CA HIS A 476 1.02 3.63 1.72
C HIS A 476 0.99 4.54 2.92
N GLY A 477 -0.02 5.39 2.95
CA GLY A 477 -0.13 6.41 3.98
C GLY A 477 -1.58 6.80 4.17
N ASN A 478 -1.84 7.50 5.27
CA ASN A 478 -3.21 7.77 5.69
C ASN A 478 -3.27 8.98 6.59
N TRP A 479 -4.36 9.73 6.49
CA TRP A 479 -4.63 10.79 7.43
C TRP A 479 -5.47 10.31 8.59
N ALA A 480 -5.17 10.80 9.78
CA ALA A 480 -6.05 10.68 10.89
C ALA A 480 -6.26 12.03 11.57
N ASN A 481 -7.48 12.28 12.03
CA ASN A 481 -7.76 13.49 12.78
C ASN A 481 -7.03 13.46 14.12
N ALA A 482 -6.70 14.65 14.65
CA ALA A 482 -5.86 14.73 15.84
C ALA A 482 -6.45 13.92 17.00
N GLU A 483 -7.77 13.99 17.18
CA GLU A 483 -8.39 13.28 18.30
C GLU A 483 -8.29 11.77 18.18
N GLU A 484 -7.93 11.22 17.02
CA GLU A 484 -7.77 9.79 16.85
C GLU A 484 -6.37 9.32 17.16
N ILE A 485 -5.45 10.27 17.42
CA ILE A 485 -4.03 9.97 17.52
C ILE A 485 -3.34 10.67 18.68
N GLY A 486 -4.13 11.20 19.60
CA GLY A 486 -3.54 11.74 20.82
C GLY A 486 -2.88 13.07 20.64
N LEU A 487 -3.24 13.80 19.59
CA LEU A 487 -2.70 15.13 19.32
C LEU A 487 -3.74 16.19 19.64
N ALA A 488 -3.30 17.45 19.64
CA ALA A 488 -4.07 18.46 20.36
C ALA A 488 -5.35 18.76 19.61
N ALA A 489 -6.41 19.05 20.37
CA ALA A 489 -7.67 19.51 19.78
C ALA A 489 -7.41 20.84 19.05
#